data_5MES
#
_entry.id   5MES
#
_cell.length_a   168.470
_cell.length_b   40.330
_cell.length_c   102.840
_cell.angle_alpha   90.00
_cell.angle_beta   126.11
_cell.angle_gamma   90.00
#
_symmetry.space_group_name_H-M   'C 1 2 1'
#
loop_
_entity.id
_entity.type
_entity.pdbx_description
1 polymer 'Induced myeloid leukemia cell differentiation protein Mcl-1 homolog,Induced myeloid leukemia cell differentiation protein Mcl-1'
2 polymer 'Heavy Chain'
3 polymer 'Light Chain'
4 non-polymer (5~{R},13~{S},17~{S})-5-[[4-chloranyl-3-(2-phenylethyl)phenyl]methyl]-13-[(4-chlorophenyl)methyl]-8-methyl-1,4,8,12,16-pentazatricyclo[15.8.1.0^{20,25}]hexacosa-20(25),21,23-triene-3,7,15,26-tetrone
5 water water
#
loop_
_entity_poly.entity_id
_entity_poly.type
_entity_poly.pdbx_seq_one_letter_code
_entity_poly.pdbx_strand_id
1 'polypeptide(L)'
;GPLGSEDDLYRQSLEIISRYLREQATGSKDSKPLGEAGAAGRRALETLRRVGDGVQRNHETAFQGMLRKLDIKNEDDVKS
LSRVMIHVFSDGVTNWGRIVTLISFGAFVAKHLKTINQESCIEPLAESITDVLVRTKRDWLVKQRGWDGFVEFFHVEDLE
GG
;
A
2 'polypeptide(L)'
;QVTLKESGGGLVKPGGSLRLSCAASGFTFSSYSMNWVRQAPGKGLEWVSSISSSSSYIYYADSVKGRFTISRDNAKNSLY
LQMNSLRAEDTAVYYCARQVGATWAFDIWGQGTLVTVSAAKTTPPSVYPLAPGSAAQTNSMVTLGCLVKGYFPEPVTVTW
NSGSLSSGVHTFPAVLQSDLYTLSSSVTVPSSPRPSETVTCNVAHPASSTKVDKKIVPRDCAAAENLYFQ
;
H
3 'polypeptide(L)'
;QSVLTQPPSASGTPGQRVTISCSGSSSNIGSNTVNWYQQLPGTAPKLLIYSNNQRPSGVPDRFSGSKSGTSASLAISGLQ
SEDEADYYCAAWDDSLNAWVFGGGTKLTVLGQPKSSPSVTLFPPSSEELETNKATLVCTITDFYPGVVTVDWKVDGTPVT
QGMETTQPSKQSNNKYMASSYLTLTARAWERHSSYSCQVTHEGHTVEKSLSRADCAAAENLYFQGS
;
L
#
loop_
_chem_comp.id
_chem_comp.type
_chem_comp.name
_chem_comp.formula
7LT non-polymer (5~{R},13~{S},17~{S})-5-[[4-chloranyl-3-(2-phenylethyl)phenyl]methyl]-13-[(4-chlorophenyl)methyl]-8-methyl-1,4,8,12,16-pentazatricyclo[15.8.1.0^{20,25}]hexacosa-20(25),21,23-triene-3,7,15,26-tetrone 'C44 H49 Cl2 N5 O4'
#
# COMPACT_ATOMS: atom_id res chain seq x y z
N ASP A 7 -6.97 -34.76 -9.67
CA ASP A 7 -7.06 -33.63 -8.74
C ASP A 7 -5.82 -33.57 -7.86
N ASP A 8 -4.98 -32.55 -8.10
CA ASP A 8 -3.74 -32.32 -7.36
C ASP A 8 -3.99 -31.94 -5.89
N LEU A 9 -5.13 -31.27 -5.62
CA LEU A 9 -5.48 -30.89 -4.26
C LEU A 9 -5.91 -32.14 -3.49
N TYR A 10 -6.76 -33.01 -4.10
CA TYR A 10 -7.22 -34.28 -3.52
C TYR A 10 -6.00 -35.11 -3.15
N ARG A 11 -4.99 -35.18 -4.05
CA ARG A 11 -3.72 -35.90 -3.93
C ARG A 11 -2.91 -35.36 -2.77
N GLN A 12 -2.63 -34.03 -2.79
CA GLN A 12 -1.88 -33.30 -1.76
C GLN A 12 -2.52 -33.41 -0.37
N SER A 13 -3.87 -33.24 -0.27
CA SER A 13 -4.58 -33.35 1.00
C SER A 13 -4.48 -34.80 1.51
N LEU A 14 -4.77 -35.78 0.63
CA LEU A 14 -4.64 -37.21 0.93
C LEU A 14 -3.24 -37.55 1.44
N GLU A 15 -2.18 -37.03 0.77
CA GLU A 15 -0.80 -37.24 1.18
C GLU A 15 -0.55 -36.76 2.61
N ILE A 16 -0.85 -35.47 2.92
CA ILE A 16 -0.69 -34.83 4.24
C ILE A 16 -1.48 -35.55 5.35
N ILE A 17 -2.80 -35.73 5.11
CA ILE A 17 -3.73 -36.39 6.02
C ILE A 17 -3.30 -37.85 6.29
N SER A 18 -3.08 -38.66 5.22
CA SER A 18 -2.63 -40.05 5.36
C SER A 18 -1.29 -40.11 6.07
N ARG A 19 -0.39 -39.14 5.82
CA ARG A 19 0.89 -39.10 6.51
C ARG A 19 0.71 -38.81 7.99
N TYR A 20 -0.11 -37.80 8.34
CA TYR A 20 -0.38 -37.41 9.73
C TYR A 20 -1.06 -38.51 10.55
N LEU A 21 -2.05 -39.20 9.96
CA LEU A 21 -2.79 -40.30 10.60
C LEU A 21 -1.90 -41.54 10.83
N ARG A 22 -1.04 -41.89 9.83
CA ARG A 22 -0.08 -43.01 9.88
C ARG A 22 1.01 -42.77 10.93
N GLU A 23 1.52 -41.53 11.04
CA GLU A 23 2.55 -41.19 12.01
C GLU A 23 1.95 -41.10 13.42
N GLN A 24 0.66 -40.76 13.51
CA GLN A 24 -0.01 -40.68 14.81
C GLN A 24 -0.22 -42.07 15.41
N ALA A 25 -0.69 -43.04 14.61
CA ALA A 25 -0.89 -44.43 15.03
C ALA A 25 0.47 -45.07 15.46
N THR A 26 1.57 -44.74 14.74
CA THR A 26 2.95 -45.19 14.97
C THR A 26 3.53 -44.59 16.27
N GLY A 27 3.23 -43.32 16.55
CA GLY A 27 3.71 -42.63 17.75
C GLY A 27 4.99 -41.84 17.54
N SER A 28 5.66 -42.02 16.38
CA SER A 28 6.89 -41.33 16.03
C SER A 28 6.86 -40.68 14.64
N LYS A 29 7.31 -39.40 14.58
CA LYS A 29 7.37 -38.56 13.37
C LYS A 29 8.53 -38.94 12.43
N ASP A 30 8.24 -38.96 11.12
CA ASP A 30 9.19 -39.34 10.05
C ASP A 30 10.10 -38.19 9.58
N SER A 31 11.18 -38.54 8.84
CA SER A 31 12.18 -37.61 8.29
C SER A 31 12.23 -37.64 6.74
N LYS A 32 11.71 -38.74 6.12
CA LYS A 32 11.68 -38.96 4.66
C LYS A 32 10.84 -37.90 3.90
N PRO A 33 11.16 -37.58 2.62
CA PRO A 33 10.40 -36.52 1.91
C PRO A 33 9.01 -36.89 1.40
N LEU A 34 8.21 -35.85 1.06
CA LEU A 34 6.85 -35.94 0.51
C LEU A 34 6.91 -35.80 -1.02
N GLY A 35 6.54 -36.88 -1.73
CA GLY A 35 6.59 -36.93 -3.18
C GLY A 35 5.29 -36.69 -3.93
N GLU A 36 4.83 -35.41 -3.94
CA GLU A 36 3.64 -34.81 -4.59
C GLU A 36 3.32 -33.43 -3.99
N ALA A 37 3.31 -33.34 -2.65
CA ALA A 37 3.00 -32.14 -1.88
C ALA A 37 4.03 -31.01 -2.03
N GLY A 38 5.31 -31.33 -1.89
CA GLY A 38 6.42 -30.38 -2.03
C GLY A 38 6.78 -29.63 -0.75
N ALA A 39 7.24 -28.36 -0.90
CA ALA A 39 7.58 -27.49 0.23
C ALA A 39 6.28 -27.00 0.92
N ALA A 40 5.18 -26.89 0.13
CA ALA A 40 3.85 -26.53 0.59
C ALA A 40 3.33 -27.63 1.55
N GLY A 41 3.54 -28.90 1.16
CA GLY A 41 3.16 -30.07 1.94
C GLY A 41 3.95 -30.22 3.23
N ARG A 42 5.27 -29.91 3.16
CA ARG A 42 6.18 -29.97 4.31
C ARG A 42 5.70 -29.04 5.38
N ARG A 43 5.47 -27.76 5.01
CA ARG A 43 4.96 -26.70 5.88
C ARG A 43 3.58 -27.01 6.41
N ALA A 44 2.70 -27.53 5.53
CA ALA A 44 1.33 -27.92 5.85
C ALA A 44 1.32 -29.00 6.92
N LEU A 45 2.11 -30.10 6.73
CA LEU A 45 2.26 -31.20 7.70
C LEU A 45 2.84 -30.70 9.03
N GLU A 46 3.88 -29.83 8.99
CA GLU A 46 4.48 -29.26 10.21
C GLU A 46 3.44 -28.49 11.05
N THR A 47 2.63 -27.61 10.40
CA THR A 47 1.59 -26.81 11.07
C THR A 47 0.52 -27.73 11.66
N LEU A 48 0.09 -28.76 10.87
CA LEU A 48 -0.90 -29.76 11.24
C LEU A 48 -0.44 -30.56 12.47
N ARG A 49 0.88 -30.87 12.56
CA ARG A 49 1.48 -31.55 13.71
C ARG A 49 1.39 -30.65 14.95
N ARG A 50 1.75 -29.36 14.84
CA ARG A 50 1.69 -28.45 15.99
C ARG A 50 0.24 -28.14 16.44
N VAL A 51 -0.65 -27.81 15.48
CA VAL A 51 -2.06 -27.45 15.70
C VAL A 51 -2.88 -28.67 16.13
N GLY A 52 -2.77 -29.77 15.37
CA GLY A 52 -3.47 -31.02 15.60
C GLY A 52 -3.20 -31.66 16.95
N ASP A 53 -1.93 -31.59 17.41
CA ASP A 53 -1.54 -32.11 18.72
C ASP A 53 -2.05 -31.21 19.85
N GLY A 54 -2.13 -29.91 19.59
CA GLY A 54 -2.66 -28.92 20.52
C GLY A 54 -4.18 -28.94 20.61
N VAL A 55 -4.83 -29.64 19.67
CA VAL A 55 -6.29 -29.83 19.59
C VAL A 55 -6.61 -31.13 20.34
N GLN A 56 -5.85 -32.22 20.01
CA GLN A 56 -5.94 -33.56 20.62
C GLN A 56 -5.74 -33.51 22.14
N ARG A 57 -4.86 -32.63 22.65
CA ARG A 57 -4.63 -32.44 24.08
C ARG A 57 -5.72 -31.58 24.72
N ASN A 58 -6.08 -30.43 24.10
CA ASN A 58 -7.10 -29.50 24.62
C ASN A 58 -8.54 -30.05 24.67
N HIS A 59 -8.81 -31.13 23.92
CA HIS A 59 -10.12 -31.74 23.87
C HIS A 59 -9.98 -33.26 24.07
N GLU A 60 -8.96 -33.66 24.88
CA GLU A 60 -8.59 -35.06 25.20
C GLU A 60 -9.74 -35.89 25.78
N THR A 61 -10.50 -35.31 26.75
CA THR A 61 -11.64 -35.98 27.40
C THR A 61 -12.78 -36.17 26.40
N ALA A 62 -13.16 -35.09 25.68
CA ALA A 62 -14.20 -35.08 24.65
C ALA A 62 -13.86 -36.07 23.51
N PHE A 63 -12.55 -36.18 23.16
CA PHE A 63 -12.07 -37.11 22.12
C PHE A 63 -12.13 -38.56 22.62
N GLN A 64 -11.77 -38.79 23.90
CA GLN A 64 -11.84 -40.11 24.57
C GLN A 64 -13.29 -40.60 24.65
N GLY A 65 -14.21 -39.69 24.98
CA GLY A 65 -15.65 -39.95 25.07
C GLY A 65 -16.28 -40.29 23.74
N MET A 66 -15.95 -39.51 22.70
CA MET A 66 -16.44 -39.71 21.32
C MET A 66 -15.99 -41.06 20.77
N LEU A 67 -14.72 -41.44 21.05
CA LEU A 67 -14.11 -42.68 20.60
C LEU A 67 -14.82 -43.88 21.26
N ARG A 68 -15.11 -43.78 22.58
CA ARG A 68 -15.81 -44.81 23.35
C ARG A 68 -17.22 -45.02 22.79
N LYS A 69 -17.98 -43.91 22.61
CA LYS A 69 -19.35 -43.86 22.08
C LYS A 69 -19.48 -44.41 20.66
N LEU A 70 -18.45 -44.19 19.80
CA LEU A 70 -18.45 -44.65 18.41
C LEU A 70 -18.36 -46.18 18.27
N ASP A 71 -17.66 -46.84 19.24
CA ASP A 71 -17.48 -48.29 19.35
C ASP A 71 -16.89 -48.93 18.07
N ILE A 72 -15.86 -48.28 17.50
CA ILE A 72 -15.22 -48.75 16.27
C ILE A 72 -14.41 -50.03 16.52
N LYS A 73 -14.72 -51.10 15.79
CA LYS A 73 -14.06 -52.40 15.93
C LYS A 73 -13.81 -53.15 14.61
N ASN A 74 -14.44 -52.71 13.49
CA ASN A 74 -14.30 -53.35 12.18
C ASN A 74 -14.46 -52.39 10.97
N GLU A 75 -14.24 -52.93 9.74
CA GLU A 75 -14.34 -52.25 8.44
C GLU A 75 -15.69 -51.55 8.18
N ASP A 76 -16.82 -52.14 8.66
CA ASP A 76 -18.16 -51.55 8.49
C ASP A 76 -18.28 -50.23 9.26
N ASP A 77 -17.74 -50.22 10.49
CA ASP A 77 -17.71 -49.05 11.38
C ASP A 77 -16.85 -47.94 10.76
N VAL A 78 -15.68 -48.31 10.22
CA VAL A 78 -14.78 -47.36 9.56
C VAL A 78 -15.48 -46.75 8.32
N LYS A 79 -16.23 -47.60 7.55
CA LYS A 79 -17.01 -47.17 6.36
C LYS A 79 -18.12 -46.16 6.70
N SER A 80 -18.79 -46.35 7.87
CA SER A 80 -19.89 -45.51 8.36
C SER A 80 -19.43 -44.20 9.04
N LEU A 81 -18.12 -44.08 9.38
CA LEU A 81 -17.51 -42.92 10.03
C LEU A 81 -17.60 -41.61 9.22
N SER A 82 -17.91 -41.73 7.92
CA SER A 82 -18.09 -40.64 6.98
C SER A 82 -19.38 -39.84 7.30
N ARG A 83 -20.39 -40.52 7.88
CA ARG A 83 -21.66 -39.93 8.29
C ARG A 83 -21.45 -39.09 9.56
N VAL A 84 -20.40 -39.39 10.33
CA VAL A 84 -20.03 -38.67 11.55
C VAL A 84 -19.20 -37.42 11.14
N MET A 85 -18.25 -37.60 10.19
CA MET A 85 -17.36 -36.55 9.64
C MET A 85 -18.12 -35.33 9.08
N ILE A 86 -19.25 -35.55 8.40
CA ILE A 86 -20.06 -34.47 7.82
C ILE A 86 -20.69 -33.55 8.91
N HIS A 87 -20.89 -34.04 10.16
CA HIS A 87 -21.45 -33.27 11.28
C HIS A 87 -20.54 -32.11 11.72
N VAL A 88 -19.29 -32.11 11.25
CA VAL A 88 -18.30 -31.06 11.46
C VAL A 88 -18.67 -29.87 10.52
N PHE A 89 -19.45 -30.13 9.42
CA PHE A 89 -19.91 -29.15 8.43
C PHE A 89 -21.44 -29.06 8.27
N SER A 90 -22.19 -29.96 8.95
CA SER A 90 -23.66 -30.10 8.97
C SER A 90 -24.41 -28.77 9.10
N ASP A 91 -23.95 -27.92 10.04
CA ASP A 91 -24.53 -26.62 10.38
C ASP A 91 -24.26 -25.48 9.37
N GLY A 92 -23.54 -25.77 8.29
CA GLY A 92 -23.20 -24.81 7.25
C GLY A 92 -21.99 -23.94 7.56
N VAL A 93 -21.31 -24.24 8.69
CA VAL A 93 -20.10 -23.54 9.17
C VAL A 93 -18.84 -24.20 8.61
N THR A 94 -17.98 -23.39 7.96
CA THR A 94 -16.70 -23.82 7.39
C THR A 94 -15.62 -22.82 7.76
N ASN A 95 -14.60 -23.31 8.46
CA ASN A 95 -13.42 -22.55 8.87
C ASN A 95 -12.27 -23.53 9.14
N TRP A 96 -11.03 -23.01 9.21
CA TRP A 96 -9.85 -23.81 9.49
C TRP A 96 -9.89 -24.51 10.85
N GLY A 97 -10.60 -23.91 11.81
CA GLY A 97 -10.80 -24.46 13.14
C GLY A 97 -11.55 -25.78 13.08
N ARG A 98 -12.58 -25.87 12.22
CA ARG A 98 -13.37 -27.11 12.04
C ARG A 98 -12.57 -28.17 11.28
N ILE A 99 -11.81 -27.74 10.24
CA ILE A 99 -10.99 -28.62 9.42
C ILE A 99 -9.91 -29.29 10.27
N VAL A 100 -9.17 -28.54 11.13
CA VAL A 100 -8.15 -29.12 12.00
C VAL A 100 -8.74 -30.14 12.96
N THR A 101 -9.91 -29.86 13.54
CA THR A 101 -10.59 -30.76 14.49
C THR A 101 -10.95 -32.06 13.77
N LEU A 102 -11.52 -31.97 12.54
CA LEU A 102 -11.87 -33.13 11.72
C LEU A 102 -10.65 -34.06 11.51
N ILE A 103 -9.47 -33.49 11.19
CA ILE A 103 -8.21 -34.21 10.97
C ILE A 103 -7.57 -34.68 12.30
N SER A 104 -7.70 -33.90 13.39
CA SER A 104 -7.12 -34.27 14.70
C SER A 104 -7.83 -35.53 15.26
N PHE A 105 -9.17 -35.59 15.14
CA PHE A 105 -9.94 -36.75 15.59
C PHE A 105 -9.66 -37.96 14.70
N GLY A 106 -9.43 -37.72 13.41
CA GLY A 106 -9.03 -38.75 12.46
C GLY A 106 -7.79 -39.47 12.95
N ALA A 107 -6.81 -38.68 13.49
CA ALA A 107 -5.56 -39.14 14.06
C ALA A 107 -5.81 -39.99 15.32
N PHE A 108 -6.72 -39.53 16.20
CA PHE A 108 -7.18 -40.20 17.43
C PHE A 108 -7.79 -41.59 17.07
N VAL A 109 -8.69 -41.62 16.04
CA VAL A 109 -9.34 -42.86 15.58
C VAL A 109 -8.26 -43.81 15.05
N ALA A 110 -7.34 -43.29 14.19
CA ALA A 110 -6.23 -44.05 13.62
C ALA A 110 -5.40 -44.69 14.75
N LYS A 111 -5.11 -43.91 15.82
CA LYS A 111 -4.41 -44.39 17.01
C LYS A 111 -5.16 -45.58 17.66
N HIS A 112 -6.49 -45.47 17.77
CA HIS A 112 -7.36 -46.52 18.32
C HIS A 112 -7.35 -47.76 17.42
N LEU A 113 -7.47 -47.58 16.08
CA LEU A 113 -7.45 -48.67 15.10
C LEU A 113 -6.15 -49.49 15.15
N LYS A 114 -5.01 -48.84 15.42
CA LYS A 114 -3.72 -49.52 15.54
C LYS A 114 -3.68 -50.40 16.80
N THR A 115 -4.17 -49.86 17.95
CA THR A 115 -4.17 -50.56 19.24
C THR A 115 -5.16 -51.74 19.25
N ILE A 116 -6.34 -51.58 18.61
CA ILE A 116 -7.37 -52.62 18.49
C ILE A 116 -7.07 -53.55 17.29
N ASN A 117 -5.84 -53.45 16.76
CA ASN A 117 -5.21 -54.26 15.70
C ASN A 117 -5.99 -54.29 14.35
N GLN A 118 -6.68 -53.19 14.03
CA GLN A 118 -7.40 -52.98 12.77
C GLN A 118 -6.64 -51.96 11.89
N GLU A 119 -5.29 -52.03 11.96
CA GLU A 119 -4.28 -51.17 11.30
C GLU A 119 -4.55 -50.97 9.80
N SER A 120 -5.05 -52.02 9.11
CA SER A 120 -5.37 -51.99 7.68
C SER A 120 -6.52 -51.03 7.31
N CYS A 121 -7.33 -50.62 8.33
CA CYS A 121 -8.46 -49.71 8.16
C CYS A 121 -8.08 -48.18 8.29
N ILE A 122 -6.83 -47.85 8.67
CA ILE A 122 -6.32 -46.46 8.77
C ILE A 122 -6.34 -45.75 7.40
N GLU A 123 -5.78 -46.40 6.35
CA GLU A 123 -5.75 -45.90 4.96
C GLU A 123 -7.20 -45.59 4.50
N PRO A 124 -8.15 -46.58 4.56
CA PRO A 124 -9.57 -46.28 4.25
C PRO A 124 -10.14 -45.02 4.92
N LEU A 125 -9.80 -44.80 6.23
CA LEU A 125 -10.21 -43.66 7.08
C LEU A 125 -9.59 -42.36 6.56
N ALA A 126 -8.28 -42.38 6.22
CA ALA A 126 -7.56 -41.20 5.74
C ALA A 126 -8.14 -40.73 4.43
N GLU A 127 -8.50 -41.66 3.52
CA GLU A 127 -9.12 -41.26 2.26
C GLU A 127 -10.56 -40.81 2.47
N SER A 128 -11.22 -41.27 3.53
CA SER A 128 -12.59 -40.85 3.85
C SER A 128 -12.62 -39.43 4.40
N ILE A 129 -11.63 -39.05 5.23
CA ILE A 129 -11.49 -37.69 5.77
C ILE A 129 -11.23 -36.74 4.60
N THR A 130 -10.29 -37.12 3.69
CA THR A 130 -9.90 -36.39 2.48
C THR A 130 -11.12 -36.26 1.55
N ASP A 131 -11.92 -37.34 1.43
CA ASP A 131 -13.15 -37.38 0.63
C ASP A 131 -14.14 -36.28 1.09
N VAL A 132 -14.48 -36.25 2.41
CA VAL A 132 -15.40 -35.27 3.01
C VAL A 132 -14.83 -33.86 2.87
N LEU A 133 -13.52 -33.68 3.13
CA LEU A 133 -12.84 -32.39 3.01
C LEU A 133 -12.87 -31.86 1.56
N VAL A 134 -12.07 -32.48 0.65
CA VAL A 134 -11.92 -32.11 -0.76
C VAL A 134 -13.25 -32.18 -1.57
N ARG A 135 -14.15 -33.14 -1.30
CA ARG A 135 -15.37 -33.17 -2.11
C ARG A 135 -16.45 -32.23 -1.64
N THR A 136 -16.66 -32.13 -0.33
CA THR A 136 -17.76 -31.28 0.11
C THR A 136 -17.28 -29.81 0.26
N LYS A 137 -15.95 -29.58 0.42
CA LYS A 137 -15.44 -28.22 0.64
C LYS A 137 -14.35 -27.76 -0.36
N ARG A 138 -14.40 -28.22 -1.62
CA ARG A 138 -13.40 -27.82 -2.62
C ARG A 138 -13.29 -26.32 -2.84
N ASP A 139 -14.40 -25.64 -3.22
CA ASP A 139 -14.43 -24.19 -3.50
C ASP A 139 -13.84 -23.38 -2.35
N TRP A 140 -14.27 -23.66 -1.10
CA TRP A 140 -13.78 -22.97 0.10
C TRP A 140 -12.28 -23.19 0.28
N LEU A 141 -11.79 -24.43 0.06
CA LEU A 141 -10.36 -24.73 0.21
C LEU A 141 -9.51 -23.96 -0.79
N VAL A 142 -9.96 -23.95 -2.06
CA VAL A 142 -9.28 -23.26 -3.15
C VAL A 142 -9.28 -21.75 -2.88
N LYS A 143 -10.44 -21.21 -2.39
CA LYS A 143 -10.57 -19.77 -2.09
C LYS A 143 -9.60 -19.38 -0.98
N GLN A 144 -9.49 -20.25 0.03
CA GLN A 144 -8.62 -20.05 1.18
C GLN A 144 -7.14 -20.35 0.90
N ARG A 145 -6.77 -20.57 -0.38
CA ARG A 145 -5.39 -20.86 -0.83
CA ARG A 145 -5.39 -20.85 -0.84
C ARG A 145 -4.86 -22.18 -0.28
N GLY A 146 -5.71 -23.21 -0.33
CA GLY A 146 -5.42 -24.57 0.11
C GLY A 146 -4.54 -24.72 1.32
N TRP A 147 -3.46 -25.53 1.17
CA TRP A 147 -2.55 -25.84 2.26
C TRP A 147 -1.58 -24.71 2.58
N ASP A 148 -1.48 -23.69 1.69
CA ASP A 148 -0.69 -22.49 1.98
C ASP A 148 -1.49 -21.60 2.93
N GLY A 149 -2.79 -21.41 2.65
CA GLY A 149 -3.71 -20.64 3.49
C GLY A 149 -3.81 -21.20 4.89
N PHE A 150 -3.84 -22.56 4.99
CA PHE A 150 -3.85 -23.33 6.23
C PHE A 150 -2.63 -22.93 7.06
N VAL A 151 -1.42 -22.94 6.46
CA VAL A 151 -0.17 -22.51 7.13
C VAL A 151 -0.24 -21.04 7.52
N GLU A 152 -0.75 -20.18 6.62
CA GLU A 152 -0.83 -18.73 6.87
C GLU A 152 -1.82 -18.35 7.98
N PHE A 153 -2.96 -19.06 8.04
CA PHE A 153 -4.02 -18.85 9.03
C PHE A 153 -3.56 -19.15 10.46
N PHE A 154 -2.81 -20.25 10.66
CA PHE A 154 -2.36 -20.67 11.99
C PHE A 154 -1.01 -20.11 12.39
N HIS A 155 -0.31 -19.35 11.50
CA HIS A 155 0.96 -18.72 11.86
C HIS A 155 0.74 -17.75 13.01
N VAL A 156 1.58 -17.85 14.07
CA VAL A 156 1.45 -17.05 15.29
C VAL A 156 2.41 -15.87 15.38
N GLU A 157 3.74 -16.08 15.16
CA GLU A 157 4.79 -15.05 15.27
C GLU A 157 4.99 -14.60 16.73
N GLN B 1 11.42 -4.60 14.45
CA GLN B 1 10.89 -3.70 13.42
C GLN B 1 10.50 -4.55 12.19
N VAL B 2 9.19 -4.69 11.99
CA VAL B 2 8.61 -5.41 10.86
C VAL B 2 8.54 -4.42 9.68
N THR B 3 9.37 -4.62 8.64
CA THR B 3 9.39 -3.72 7.48
C THR B 3 9.30 -4.43 6.11
N LEU B 4 8.97 -3.65 5.08
CA LEU B 4 8.91 -4.06 3.69
C LEU B 4 9.55 -2.91 2.96
N LYS B 5 10.50 -3.17 2.05
CA LYS B 5 11.17 -2.10 1.29
C LYS B 5 11.26 -2.48 -0.18
N GLU B 6 10.60 -1.71 -1.04
CA GLU B 6 10.57 -1.93 -2.48
C GLU B 6 11.78 -1.31 -3.12
N SER B 7 12.20 -1.90 -4.23
CA SER B 7 13.34 -1.45 -5.04
C SER B 7 13.08 -1.74 -6.50
N GLY B 8 13.93 -1.16 -7.34
CA GLY B 8 13.93 -1.45 -8.77
C GLY B 8 13.12 -0.50 -9.62
N GLY B 9 12.36 0.38 -8.99
CA GLY B 9 11.56 1.35 -9.74
C GLY B 9 12.43 2.40 -10.38
N GLY B 10 12.03 2.85 -11.56
CA GLY B 10 12.74 3.88 -12.31
C GLY B 10 12.14 4.11 -13.68
N LEU B 11 12.89 4.76 -14.56
CA LEU B 11 12.45 5.08 -15.90
C LEU B 11 12.71 3.87 -16.82
N VAL B 12 11.69 3.53 -17.62
CA VAL B 12 11.63 2.43 -18.57
C VAL B 12 10.86 2.91 -19.82
N LYS B 13 11.30 2.48 -21.01
CA LYS B 13 10.65 2.88 -22.25
C LYS B 13 9.38 2.06 -22.54
N PRO B 14 8.34 2.64 -23.24
CA PRO B 14 7.17 1.84 -23.63
C PRO B 14 7.60 0.57 -24.37
N GLY B 15 7.00 -0.55 -24.00
CA GLY B 15 7.32 -1.87 -24.55
C GLY B 15 8.42 -2.57 -23.77
N GLY B 16 9.11 -1.84 -22.89
CA GLY B 16 10.19 -2.35 -22.04
C GLY B 16 9.76 -3.23 -20.88
N SER B 17 10.77 -3.71 -20.16
CA SER B 17 10.66 -4.62 -19.02
C SER B 17 11.36 -4.04 -17.81
N LEU B 18 10.90 -4.41 -16.62
CA LEU B 18 11.51 -3.93 -15.37
C LEU B 18 11.19 -4.94 -14.30
N ARG B 19 12.11 -5.15 -13.36
CA ARG B 19 11.82 -6.07 -12.27
C ARG B 19 11.81 -5.28 -10.97
N LEU B 20 10.73 -5.41 -10.20
CA LEU B 20 10.65 -4.76 -8.91
C LEU B 20 10.98 -5.78 -7.87
N SER B 21 11.62 -5.34 -6.82
CA SER B 21 11.98 -6.23 -5.74
C SER B 21 11.43 -5.65 -4.44
N CYS B 22 11.10 -6.51 -3.48
CA CYS B 22 10.60 -6.09 -2.18
C CYS B 22 11.26 -6.95 -1.11
N ALA B 23 12.02 -6.31 -0.23
CA ALA B 23 12.72 -7.01 0.85
C ALA B 23 11.89 -6.97 2.14
N ALA B 24 11.61 -8.16 2.72
CA ALA B 24 10.90 -8.26 3.99
C ALA B 24 11.91 -8.32 5.17
N SER B 25 11.61 -7.68 6.31
CA SER B 25 12.45 -7.72 7.54
C SER B 25 11.65 -7.85 8.80
N GLY B 26 12.19 -8.60 9.78
CA GLY B 26 11.63 -8.74 11.11
C GLY B 26 10.48 -9.71 11.30
N PHE B 27 10.17 -10.52 10.29
CA PHE B 27 9.10 -11.51 10.43
C PHE B 27 9.45 -12.75 9.66
N THR B 28 8.66 -13.81 9.83
CA THR B 28 8.77 -15.07 9.11
C THR B 28 8.00 -14.94 7.78
N PHE B 29 8.70 -14.39 6.78
CA PHE B 29 8.22 -14.14 5.44
C PHE B 29 7.52 -15.34 4.82
N SER B 30 8.09 -16.56 4.95
CA SER B 30 7.51 -17.79 4.37
C SER B 30 6.12 -18.17 4.95
N SER B 31 5.62 -17.46 5.95
CA SER B 31 4.31 -17.78 6.51
C SER B 31 3.24 -16.72 6.12
N TYR B 32 3.51 -15.91 5.08
CA TYR B 32 2.56 -14.88 4.64
C TYR B 32 2.31 -14.86 3.18
N SER B 33 1.05 -14.63 2.81
CA SER B 33 0.68 -14.31 1.42
C SER B 33 1.13 -12.85 1.25
N MET B 34 1.63 -12.48 0.06
CA MET B 34 2.11 -11.14 -0.19
C MET B 34 1.36 -10.54 -1.41
N ASN B 35 1.35 -9.19 -1.54
CA ASN B 35 0.62 -8.51 -2.62
C ASN B 35 1.38 -7.35 -3.22
N TRP B 36 1.07 -7.02 -4.47
CA TRP B 36 1.52 -5.81 -5.10
C TRP B 36 0.28 -4.99 -5.31
N VAL B 37 0.37 -3.71 -5.00
CA VAL B 37 -0.72 -2.75 -5.17
C VAL B 37 -0.02 -1.56 -5.77
N ARG B 38 -0.59 -0.91 -6.81
CA ARG B 38 0.04 0.26 -7.43
C ARG B 38 -0.87 1.48 -7.35
N GLN B 39 -0.29 2.66 -7.59
CA GLN B 39 -1.04 3.91 -7.56
C GLN B 39 -0.47 4.91 -8.55
N ALA B 40 -1.23 5.22 -9.63
CA ALA B 40 -0.87 6.26 -10.59
C ALA B 40 -0.90 7.59 -9.83
N PRO B 41 0.12 8.47 -9.98
CA PRO B 41 0.12 9.77 -9.22
C PRO B 41 -1.19 10.57 -9.38
N GLY B 42 -1.79 10.91 -8.25
CA GLY B 42 -3.06 11.61 -8.18
C GLY B 42 -4.27 10.72 -8.36
N LYS B 43 -4.04 9.37 -8.48
CA LYS B 43 -5.14 8.41 -8.69
C LYS B 43 -5.27 7.38 -7.54
N GLY B 44 -6.26 6.49 -7.64
CA GLY B 44 -6.56 5.51 -6.63
C GLY B 44 -5.65 4.29 -6.65
N LEU B 45 -5.77 3.50 -5.56
CA LEU B 45 -5.05 2.24 -5.37
C LEU B 45 -5.58 1.17 -6.31
N GLU B 46 -4.69 0.46 -6.93
CA GLU B 46 -5.09 -0.61 -7.80
C GLU B 46 -4.27 -1.82 -7.48
N TRP B 47 -4.91 -2.80 -6.92
CA TRP B 47 -4.28 -4.07 -6.60
C TRP B 47 -3.76 -4.66 -7.90
N VAL B 48 -2.54 -5.20 -7.87
CA VAL B 48 -1.87 -5.72 -9.05
C VAL B 48 -1.82 -7.23 -9.03
N SER B 49 -1.25 -7.81 -7.97
CA SER B 49 -1.02 -9.24 -7.90
C SER B 49 -0.87 -9.75 -6.47
N SER B 50 -1.07 -11.05 -6.29
CA SER B 50 -0.96 -11.75 -5.00
C SER B 50 -0.27 -13.11 -5.15
N ILE B 51 0.50 -13.53 -4.14
CA ILE B 51 1.20 -14.81 -4.15
C ILE B 51 1.14 -15.43 -2.76
N SER B 52 0.66 -16.69 -2.63
CA SER B 52 0.59 -17.36 -1.33
C SER B 52 2.02 -17.70 -0.80
N SER B 53 2.12 -18.08 0.49
CA SER B 53 3.40 -18.38 1.18
C SER B 53 4.35 -19.37 0.44
N SER B 54 3.80 -20.46 -0.14
CA SER B 54 4.62 -21.45 -0.88
C SER B 54 4.51 -21.30 -2.40
N SER B 55 3.97 -20.15 -2.88
CA SER B 55 3.81 -19.82 -4.30
C SER B 55 2.82 -20.74 -5.04
N SER B 56 1.96 -21.48 -4.30
CA SER B 56 0.97 -22.40 -4.92
C SER B 56 -0.22 -21.67 -5.53
N TYR B 57 -0.55 -20.50 -4.99
CA TYR B 57 -1.69 -19.69 -5.43
C TYR B 57 -1.22 -18.31 -5.79
N ILE B 58 -1.37 -18.00 -7.06
CA ILE B 58 -0.95 -16.74 -7.67
C ILE B 58 -2.17 -16.10 -8.37
N TYR B 59 -2.33 -14.78 -8.20
CA TYR B 59 -3.43 -14.03 -8.80
C TYR B 59 -2.91 -12.74 -9.42
N TYR B 60 -3.58 -12.28 -10.48
CA TYR B 60 -3.26 -11.03 -11.18
C TYR B 60 -4.51 -10.25 -11.50
N ALA B 61 -4.40 -8.91 -11.53
CA ALA B 61 -5.50 -8.03 -11.99
C ALA B 61 -5.60 -8.25 -13.51
N ASP B 62 -6.80 -8.10 -14.12
CA ASP B 62 -6.92 -8.25 -15.60
C ASP B 62 -6.03 -7.29 -16.38
N SER B 63 -5.89 -6.04 -15.88
CA SER B 63 -5.02 -5.00 -16.45
C SER B 63 -3.53 -5.43 -16.60
N VAL B 64 -3.09 -6.50 -15.89
CA VAL B 64 -1.68 -6.93 -15.93
C VAL B 64 -1.48 -8.39 -16.41
N LYS B 65 -2.56 -9.19 -16.57
CA LYS B 65 -2.46 -10.60 -17.00
C LYS B 65 -1.67 -10.78 -18.29
N GLY B 66 -0.71 -11.72 -18.28
CA GLY B 66 0.14 -12.04 -19.42
C GLY B 66 1.34 -11.14 -19.58
N ARG B 67 1.41 -10.04 -18.82
CA ARG B 67 2.54 -9.14 -18.90
C ARG B 67 3.39 -9.16 -17.61
N PHE B 68 2.73 -9.31 -16.44
CA PHE B 68 3.43 -9.26 -15.15
C PHE B 68 3.51 -10.63 -14.57
N THR B 69 4.60 -10.89 -13.88
CA THR B 69 4.85 -12.16 -13.23
C THR B 69 5.33 -11.87 -11.83
N ILE B 70 4.56 -12.36 -10.87
CA ILE B 70 4.91 -12.27 -9.45
C ILE B 70 5.61 -13.59 -9.07
N SER B 71 6.57 -13.52 -8.17
CA SER B 71 7.24 -14.68 -7.62
C SER B 71 7.86 -14.23 -6.30
N ARG B 72 8.39 -15.18 -5.53
CA ARG B 72 9.06 -14.88 -4.27
C ARG B 72 10.19 -15.87 -4.00
N ASP B 73 11.23 -15.41 -3.28
CA ASP B 73 12.34 -16.21 -2.80
C ASP B 73 12.32 -16.14 -1.28
N ASN B 74 11.68 -17.13 -0.65
CA ASN B 74 11.55 -17.25 0.82
C ASN B 74 12.91 -17.32 1.52
N ALA B 75 13.91 -17.99 0.90
CA ALA B 75 15.30 -18.03 1.40
C ALA B 75 15.97 -16.64 1.39
N LYS B 76 15.53 -15.73 0.53
CA LYS B 76 16.08 -14.38 0.45
C LYS B 76 15.11 -13.28 0.98
N ASN B 77 14.01 -13.69 1.66
CA ASN B 77 12.94 -12.79 2.20
C ASN B 77 12.52 -11.78 1.11
N SER B 78 12.42 -12.26 -0.15
CA SER B 78 12.13 -11.39 -1.26
C SER B 78 10.92 -11.74 -2.07
N LEU B 79 10.21 -10.69 -2.48
CA LEU B 79 9.04 -10.69 -3.34
C LEU B 79 9.43 -9.96 -4.60
N TYR B 80 9.05 -10.49 -5.78
CA TYR B 80 9.38 -9.83 -7.05
C TYR B 80 8.18 -9.61 -7.89
N LEU B 81 8.32 -8.67 -8.84
CA LEU B 81 7.35 -8.38 -9.86
C LEU B 81 8.10 -8.08 -11.13
N GLN B 82 8.08 -9.05 -12.05
CA GLN B 82 8.67 -8.96 -13.37
C GLN B 82 7.61 -8.34 -14.23
N MET B 83 7.83 -7.11 -14.65
CA MET B 83 6.86 -6.44 -15.48
C MET B 83 7.40 -6.39 -16.90
N ASN B 84 6.61 -6.82 -17.90
CA ASN B 84 7.04 -6.76 -19.30
C ASN B 84 6.01 -6.02 -20.09
N SER B 85 6.36 -5.63 -21.34
CA SER B 85 5.47 -4.95 -22.29
C SER B 85 4.81 -3.76 -21.59
N LEU B 86 5.64 -2.93 -20.95
CA LEU B 86 5.16 -1.78 -20.18
C LEU B 86 4.58 -0.66 -21.03
N ARG B 87 3.41 -0.09 -20.61
CA ARG B 87 2.76 1.04 -21.31
C ARG B 87 2.60 2.26 -20.38
N ALA B 88 2.28 3.45 -20.93
CA ALA B 88 2.11 4.71 -20.15
C ALA B 88 1.23 4.55 -18.90
N GLU B 89 0.14 3.80 -19.00
CA GLU B 89 -0.83 3.48 -17.95
C GLU B 89 -0.23 2.73 -16.76
N ASP B 90 0.95 2.10 -16.91
CA ASP B 90 1.63 1.35 -15.87
C ASP B 90 2.49 2.28 -14.98
N THR B 91 2.59 3.57 -15.37
CA THR B 91 3.27 4.59 -14.58
C THR B 91 2.52 4.69 -13.24
N ALA B 92 3.22 4.41 -12.15
CA ALA B 92 2.61 4.39 -10.82
C ALA B 92 3.68 4.15 -9.76
N VAL B 93 3.30 4.38 -8.50
CA VAL B 93 4.11 4.01 -7.33
C VAL B 93 3.61 2.58 -7.03
N TYR B 94 4.51 1.63 -7.01
CA TYR B 94 4.22 0.22 -6.71
C TYR B 94 4.56 -0.08 -5.24
N TYR B 95 3.58 -0.62 -4.53
CA TYR B 95 3.67 -0.99 -3.12
C TYR B 95 3.67 -2.49 -2.98
N CYS B 96 4.37 -2.92 -1.98
CA CYS B 96 4.50 -4.28 -1.50
C CYS B 96 3.64 -4.28 -0.19
N ALA B 97 2.75 -5.26 0.01
CA ALA B 97 1.94 -5.35 1.22
C ALA B 97 1.83 -6.76 1.73
N ARG B 98 2.05 -6.91 3.01
CA ARG B 98 1.88 -8.18 3.68
C ARG B 98 0.40 -8.39 3.98
N GLN B 99 -0.08 -9.61 3.81
CA GLN B 99 -1.47 -9.96 4.07
C GLN B 99 -1.61 -10.84 5.38
N VAL B 100 -2.47 -10.44 6.33
CA VAL B 100 -2.72 -11.18 7.59
C VAL B 100 -3.41 -12.50 7.30
N GLY B 101 -2.87 -13.58 7.84
CA GLY B 101 -3.37 -14.92 7.62
C GLY B 101 -4.81 -15.17 8.02
N ALA B 102 -5.18 -14.65 9.20
CA ALA B 102 -6.51 -14.80 9.81
C ALA B 102 -7.61 -13.82 9.31
N THR B 103 -7.24 -12.64 8.76
CA THR B 103 -8.23 -11.64 8.37
C THR B 103 -8.12 -11.13 6.94
N TRP B 104 -6.95 -11.37 6.28
CA TRP B 104 -6.58 -10.94 4.92
C TRP B 104 -6.36 -9.41 4.82
N ALA B 105 -6.26 -8.73 5.95
CA ALA B 105 -5.99 -7.29 5.96
C ALA B 105 -4.52 -7.10 5.49
N PHE B 106 -4.19 -5.94 4.90
CA PHE B 106 -2.83 -5.62 4.47
C PHE B 106 -2.31 -4.77 5.60
N ASP B 107 -1.81 -5.41 6.67
CA ASP B 107 -1.33 -4.71 7.87
C ASP B 107 0.00 -3.98 7.66
N ILE B 108 0.94 -4.54 6.89
CA ILE B 108 2.24 -3.88 6.61
C ILE B 108 2.36 -3.56 5.12
N TRP B 109 2.73 -2.33 4.79
CA TRP B 109 2.98 -1.81 3.45
C TRP B 109 4.39 -1.24 3.38
N GLY B 110 5.00 -1.29 2.21
CA GLY B 110 6.30 -0.65 2.02
C GLY B 110 6.08 0.82 1.75
N GLN B 111 7.16 1.59 1.53
CA GLN B 111 7.08 3.04 1.23
C GLN B 111 6.75 3.28 -0.25
N GLY B 112 6.93 2.26 -1.07
CA GLY B 112 6.64 2.29 -2.50
C GLY B 112 7.85 2.62 -3.36
N THR B 113 7.75 2.33 -4.66
CA THR B 113 8.81 2.63 -5.66
C THR B 113 8.13 3.12 -6.95
N LEU B 114 8.60 4.27 -7.47
CA LEU B 114 7.98 4.84 -8.65
C LEU B 114 8.51 4.25 -9.93
N VAL B 115 7.59 3.86 -10.81
CA VAL B 115 7.87 3.36 -12.15
C VAL B 115 7.31 4.42 -13.14
N THR B 116 8.16 4.97 -14.02
CA THR B 116 7.77 5.95 -15.03
C THR B 116 7.98 5.27 -16.38
N VAL B 117 6.91 5.16 -17.17
CA VAL B 117 6.98 4.51 -18.48
C VAL B 117 6.88 5.61 -19.49
N SER B 118 8.04 6.03 -20.02
CA SER B 118 8.15 7.14 -20.97
C SER B 118 9.34 6.96 -21.92
N ALA B 119 9.28 7.63 -23.08
CA ALA B 119 10.32 7.65 -24.12
C ALA B 119 11.32 8.78 -23.84
N ALA B 120 10.90 9.79 -23.04
CA ALA B 120 11.75 10.92 -22.63
C ALA B 120 12.99 10.37 -21.92
N LYS B 121 14.09 11.10 -22.01
CA LYS B 121 15.35 10.65 -21.45
C LYS B 121 15.60 11.14 -20.01
N THR B 122 16.46 10.41 -19.28
CA THR B 122 16.93 10.75 -17.94
C THR B 122 17.70 12.08 -18.06
N THR B 123 17.21 13.13 -17.38
CA THR B 123 17.80 14.47 -17.37
C THR B 123 18.14 14.87 -15.92
N PRO B 124 19.40 15.28 -15.64
CA PRO B 124 19.72 15.71 -14.26
C PRO B 124 19.14 17.11 -14.03
N PRO B 125 18.79 17.49 -12.79
CA PRO B 125 18.29 18.86 -12.56
C PRO B 125 19.42 19.91 -12.54
N SER B 126 19.05 21.19 -12.69
CA SER B 126 19.92 22.36 -12.56
C SER B 126 19.40 23.04 -11.31
N VAL B 127 20.24 23.22 -10.33
CA VAL B 127 19.81 23.79 -9.06
C VAL B 127 20.22 25.27 -9.05
N TYR B 128 19.27 26.18 -8.85
CA TYR B 128 19.54 27.61 -8.86
C TYR B 128 19.16 28.22 -7.54
N PRO B 129 19.87 29.26 -7.04
CA PRO B 129 19.47 29.83 -5.74
C PRO B 129 18.25 30.75 -5.86
N LEU B 130 17.42 30.76 -4.82
CA LEU B 130 16.25 31.62 -4.71
C LEU B 130 16.57 32.53 -3.52
N ALA B 131 16.97 33.75 -3.82
CA ALA B 131 17.30 34.76 -2.80
C ALA B 131 16.38 35.96 -3.04
N PRO B 132 15.79 36.56 -1.97
CA PRO B 132 14.92 37.75 -2.20
C PRO B 132 15.72 39.00 -2.56
N MET B 141 12.24 37.97 9.65
CA MET B 141 12.62 36.69 9.06
C MET B 141 12.84 36.81 7.55
N VAL B 142 13.69 35.92 6.97
CA VAL B 142 14.00 35.87 5.55
C VAL B 142 13.71 34.47 4.96
N THR B 143 12.99 34.44 3.83
CA THR B 143 12.69 33.20 3.12
C THR B 143 13.67 33.03 1.96
N LEU B 144 14.44 31.94 2.00
CA LEU B 144 15.41 31.58 0.96
C LEU B 144 14.90 30.28 0.34
N GLY B 145 15.46 29.91 -0.80
CA GLY B 145 15.07 28.67 -1.42
C GLY B 145 15.98 28.24 -2.53
N CYS B 146 15.66 27.08 -3.13
CA CYS B 146 16.36 26.70 -4.33
C CYS B 146 15.41 26.08 -5.31
N LEU B 147 15.63 26.42 -6.55
CA LEU B 147 14.84 26.00 -7.68
C LEU B 147 15.53 24.80 -8.29
N VAL B 148 14.83 23.64 -8.38
CA VAL B 148 15.33 22.37 -8.93
C VAL B 148 14.67 22.24 -10.30
N LYS B 149 15.39 22.65 -11.33
CA LYS B 149 14.89 22.82 -12.69
C LYS B 149 15.26 21.79 -13.72
N GLY B 150 14.25 21.39 -14.50
CA GLY B 150 14.39 20.52 -15.66
C GLY B 150 15.00 19.16 -15.46
N TYR B 151 14.47 18.36 -14.51
CA TYR B 151 14.94 17.01 -14.29
C TYR B 151 13.88 16.03 -14.82
N PHE B 152 14.25 14.74 -14.91
CA PHE B 152 13.39 13.66 -15.38
C PHE B 152 14.14 12.36 -15.14
N PRO B 153 13.48 11.30 -14.59
CA PRO B 153 12.10 11.26 -14.09
C PRO B 153 12.04 11.76 -12.65
N GLU B 154 10.88 11.63 -12.02
CA GLU B 154 10.72 11.89 -10.61
C GLU B 154 11.26 10.63 -9.88
N PRO B 155 11.68 10.73 -8.62
CA PRO B 155 11.67 11.92 -7.76
C PRO B 155 13.01 12.63 -7.59
N VAL B 156 12.97 13.69 -6.81
CA VAL B 156 14.12 14.40 -6.29
C VAL B 156 13.92 14.48 -4.80
N THR B 157 14.98 14.69 -4.04
CA THR B 157 14.87 14.90 -2.59
C THR B 157 15.59 16.20 -2.29
N VAL B 158 15.06 17.02 -1.39
CA VAL B 158 15.73 18.26 -0.95
C VAL B 158 15.83 18.25 0.57
N THR B 159 16.99 18.60 1.10
CA THR B 159 17.23 18.81 2.53
C THR B 159 17.95 20.15 2.61
N TRP B 160 18.03 20.71 3.84
CA TRP B 160 18.73 21.97 4.03
C TRP B 160 19.82 21.76 5.08
N ASN B 161 21.04 22.24 4.79
CA ASN B 161 22.20 22.12 5.70
C ASN B 161 22.39 20.67 6.15
N SER B 162 22.40 19.75 5.18
CA SER B 162 22.57 18.30 5.30
C SER B 162 21.56 17.60 6.22
N GLY B 163 20.40 18.25 6.42
CA GLY B 163 19.35 17.72 7.26
C GLY B 163 19.27 18.39 8.61
N SER B 164 20.27 19.24 8.94
CA SER B 164 20.30 19.95 10.21
C SER B 164 19.28 21.13 10.26
N LEU B 165 18.77 21.61 9.09
CA LEU B 165 17.73 22.65 8.98
C LEU B 165 16.42 21.98 8.47
N SER B 166 15.44 21.78 9.36
CA SER B 166 14.16 21.13 9.05
C SER B 166 12.98 22.01 9.39
N SER B 167 13.16 22.94 10.34
CA SER B 167 12.09 23.85 10.73
C SER B 167 11.99 24.95 9.68
N GLY B 168 10.77 25.20 9.23
CA GLY B 168 10.46 26.25 8.27
C GLY B 168 10.66 25.88 6.81
N VAL B 169 10.98 24.60 6.50
CA VAL B 169 11.20 24.22 5.11
C VAL B 169 9.87 23.85 4.45
N HIS B 170 9.70 24.27 3.18
CA HIS B 170 8.51 24.00 2.38
C HIS B 170 8.97 23.52 1.03
N THR B 171 8.88 22.21 0.78
CA THR B 171 9.26 21.63 -0.51
C THR B 171 7.95 21.43 -1.23
N PHE B 172 7.78 22.14 -2.33
CA PHE B 172 6.54 22.17 -3.10
C PHE B 172 6.45 21.01 -4.08
N PRO B 173 5.25 20.60 -4.54
CA PRO B 173 5.19 19.54 -5.56
C PRO B 173 5.71 20.01 -6.93
N ALA B 174 6.11 19.09 -7.78
CA ALA B 174 6.63 19.44 -9.08
C ALA B 174 5.61 19.71 -10.15
N VAL B 175 6.01 20.51 -11.11
CA VAL B 175 5.22 20.80 -12.30
C VAL B 175 5.94 20.19 -13.48
N LEU B 176 5.17 19.72 -14.46
CA LEU B 176 5.72 19.05 -15.62
C LEU B 176 5.64 19.81 -16.91
N GLN B 177 6.73 20.46 -17.29
CA GLN B 177 6.84 21.25 -18.53
C GLN B 177 7.45 20.40 -19.64
N SER B 178 6.70 20.25 -20.73
CA SER B 178 7.08 19.43 -21.87
C SER B 178 7.37 18.09 -21.28
N ASP B 179 8.62 17.67 -21.26
CA ASP B 179 8.92 16.40 -20.65
C ASP B 179 9.98 16.54 -19.59
N LEU B 180 9.87 17.58 -18.79
CA LEU B 180 10.81 17.88 -17.69
C LEU B 180 10.13 18.44 -16.46
N TYR B 181 10.52 17.95 -15.27
CA TYR B 181 9.99 18.42 -13.98
C TYR B 181 10.80 19.56 -13.39
N THR B 182 10.09 20.44 -12.67
CA THR B 182 10.61 21.58 -11.96
C THR B 182 9.89 21.63 -10.62
N LEU B 183 10.64 21.83 -9.58
CA LEU B 183 10.12 21.87 -8.24
C LEU B 183 10.97 22.92 -7.51
N SER B 184 10.48 23.45 -6.41
CA SER B 184 11.28 24.33 -5.60
C SER B 184 11.07 23.99 -4.10
N SER B 185 11.98 24.45 -3.26
CA SER B 185 11.94 24.25 -1.82
C SER B 185 12.32 25.59 -1.17
N SER B 186 11.60 26.00 -0.15
CA SER B 186 11.90 27.25 0.55
C SER B 186 12.18 27.01 2.03
N VAL B 187 12.92 27.91 2.65
CA VAL B 187 13.24 27.83 4.06
C VAL B 187 13.17 29.22 4.67
N THR B 188 12.42 29.36 5.76
CA THR B 188 12.35 30.63 6.47
C THR B 188 13.24 30.50 7.69
N VAL B 189 14.22 31.39 7.77
CA VAL B 189 15.23 31.43 8.83
C VAL B 189 15.17 32.81 9.58
N PRO B 190 15.85 33.03 10.75
CA PRO B 190 15.81 34.37 11.38
C PRO B 190 16.42 35.43 10.47
N SER B 191 16.14 36.70 10.76
CA SER B 191 16.50 37.91 10.00
C SER B 191 18.02 38.15 9.74
N SER B 192 18.85 37.09 9.70
CA SER B 192 20.30 37.24 9.47
C SER B 192 20.93 36.13 8.59
N PRO B 193 20.95 36.29 7.24
CA PRO B 193 21.65 35.30 6.39
C PRO B 193 23.14 35.68 6.28
N ARG B 194 23.83 35.71 7.44
CA ARG B 194 25.23 36.07 7.63
C ARG B 194 26.20 35.13 6.90
N PRO B 195 27.32 35.62 6.28
CA PRO B 195 28.26 34.71 5.60
C PRO B 195 28.80 33.54 6.45
N SER B 196 28.91 33.74 7.78
CA SER B 196 29.34 32.70 8.70
C SER B 196 28.18 31.72 8.91
N GLU B 197 26.93 32.22 9.02
CA GLU B 197 25.72 31.38 9.17
C GLU B 197 25.08 31.13 7.81
N THR B 198 25.62 30.12 7.12
CA THR B 198 25.26 29.65 5.80
C THR B 198 23.95 28.85 5.73
N VAL B 199 23.29 28.89 4.56
CA VAL B 199 22.07 28.14 4.27
C VAL B 199 22.34 27.43 2.95
N THR B 200 22.41 26.09 2.97
CA THR B 200 22.71 25.30 1.79
C THR B 200 21.61 24.29 1.51
N CYS B 201 21.17 24.17 0.26
CA CYS B 201 20.23 23.10 -0.06
C CYS B 201 20.92 21.91 -0.67
N ASN B 202 20.50 20.73 -0.26
CA ASN B 202 21.08 19.48 -0.75
C ASN B 202 20.05 18.79 -1.63
N VAL B 203 20.37 18.69 -2.90
CA VAL B 203 19.49 18.09 -3.90
C VAL B 203 20.09 16.77 -4.40
N ALA B 204 19.24 15.73 -4.41
CA ALA B 204 19.59 14.42 -4.93
C ALA B 204 18.56 14.01 -5.96
N HIS B 205 19.03 13.55 -7.09
CA HIS B 205 18.20 13.01 -8.15
C HIS B 205 18.77 11.60 -8.35
N PRO B 206 18.26 10.55 -7.64
CA PRO B 206 18.87 9.21 -7.78
C PRO B 206 18.94 8.67 -9.19
N ALA B 207 17.93 8.95 -10.04
CA ALA B 207 17.87 8.45 -11.42
C ALA B 207 19.08 8.84 -12.28
N SER B 208 19.70 10.00 -11.99
CA SER B 208 20.86 10.50 -12.72
C SER B 208 22.10 10.61 -11.81
N SER B 209 22.06 9.99 -10.62
CA SER B 209 23.14 10.02 -9.61
C SER B 209 23.68 11.44 -9.34
N THR B 210 22.77 12.44 -9.37
CA THR B 210 23.10 13.83 -9.09
C THR B 210 22.99 14.02 -7.60
N LYS B 211 24.02 14.62 -7.02
CA LYS B 211 24.08 15.04 -5.63
C LYS B 211 24.76 16.39 -5.65
N VAL B 212 23.92 17.43 -5.57
CA VAL B 212 24.32 18.84 -5.64
C VAL B 212 24.03 19.55 -4.32
N ASP B 213 24.96 20.40 -3.89
CA ASP B 213 24.79 21.29 -2.74
C ASP B 213 24.75 22.68 -3.36
N LYS B 214 23.92 23.58 -2.83
CA LYS B 214 23.83 24.94 -3.33
C LYS B 214 23.69 25.89 -2.19
N LYS B 215 24.76 26.67 -1.92
CA LYS B 215 24.82 27.67 -0.84
C LYS B 215 24.05 28.89 -1.33
N ILE B 216 23.07 29.32 -0.54
CA ILE B 216 22.24 30.45 -0.91
C ILE B 216 22.87 31.73 -0.36
N VAL B 217 23.43 32.53 -1.26
CA VAL B 217 24.08 33.80 -0.90
C VAL B 217 23.24 34.96 -1.41
N PRO B 218 22.68 35.80 -0.50
CA PRO B 218 21.86 36.93 -0.96
C PRO B 218 22.72 38.10 -1.47
N ARG B 219 22.07 39.07 -2.12
CA ARG B 219 22.66 40.31 -2.65
C ARG B 219 21.77 41.45 -2.17
N ASP B 220 22.34 42.66 -1.95
CA ASP B 220 21.59 43.84 -1.47
C ASP B 220 20.59 44.35 -2.52
N CYS B 221 19.27 44.09 -2.29
CA CYS B 221 18.13 44.43 -3.16
C CYS B 221 17.02 45.13 -2.37
N SER C 2 -13.59 1.34 -11.11
CA SER C 2 -13.41 0.34 -10.05
C SER C 2 -14.70 -0.42 -9.71
N VAL C 3 -14.54 -1.71 -9.30
CA VAL C 3 -15.59 -2.66 -8.92
C VAL C 3 -16.33 -2.25 -7.62
N LEU C 4 -15.60 -1.66 -6.67
CA LEU C 4 -16.16 -1.13 -5.44
C LEU C 4 -16.27 0.37 -5.64
N THR C 5 -17.45 0.93 -5.41
CA THR C 5 -17.64 2.36 -5.62
C THR C 5 -17.72 3.11 -4.31
N GLN C 6 -17.10 4.29 -4.30
CA GLN C 6 -17.07 5.21 -3.19
C GLN C 6 -17.33 6.63 -3.69
N PRO C 7 -17.98 7.50 -2.88
CA PRO C 7 -18.14 8.90 -3.28
C PRO C 7 -16.74 9.50 -3.51
N PRO C 8 -16.46 10.20 -4.64
CA PRO C 8 -15.10 10.72 -4.89
C PRO C 8 -14.57 11.61 -3.79
N SER C 9 -15.49 12.28 -3.09
CA SER C 9 -15.21 13.28 -2.10
C SER C 9 -16.21 13.23 -0.95
N ALA C 10 -15.80 13.71 0.22
CA ALA C 10 -16.62 13.77 1.43
C ALA C 10 -16.13 14.96 2.19
N SER C 11 -17.04 15.60 2.93
CA SER C 11 -16.68 16.75 3.74
C SER C 11 -17.57 16.87 4.95
N GLY C 12 -17.04 17.56 5.94
CA GLY C 12 -17.70 17.87 7.20
C GLY C 12 -16.91 18.94 7.92
N THR C 13 -17.46 19.42 9.03
CA THR C 13 -16.85 20.44 9.89
C THR C 13 -16.26 19.75 11.12
N PRO C 14 -15.31 20.38 11.88
CA PRO C 14 -14.77 19.70 13.06
C PRO C 14 -15.86 19.30 14.06
N GLY C 15 -15.77 18.05 14.53
CA GLY C 15 -16.66 17.47 15.52
C GLY C 15 -17.84 16.74 14.92
N GLN C 16 -18.13 17.01 13.65
CA GLN C 16 -19.24 16.35 12.97
C GLN C 16 -18.88 14.85 12.72
N ARG C 17 -19.90 14.06 12.47
CA ARG C 17 -19.77 12.65 12.16
C ARG C 17 -19.91 12.57 10.62
N VAL C 18 -18.86 12.09 9.95
CA VAL C 18 -18.86 11.88 8.51
C VAL C 18 -18.90 10.39 8.26
N THR C 19 -19.58 10.00 7.18
CA THR C 19 -19.81 8.64 6.74
C THR C 19 -19.33 8.48 5.29
N ILE C 20 -18.56 7.41 5.03
CA ILE C 20 -18.05 7.13 3.71
C ILE C 20 -18.56 5.74 3.37
N SER C 21 -19.33 5.61 2.29
CA SER C 21 -19.89 4.34 1.88
C SER C 21 -18.98 3.64 0.86
N CYS C 22 -19.16 2.35 0.73
CA CYS C 22 -18.40 1.53 -0.18
C CYS C 22 -19.45 0.55 -0.70
N SER C 23 -19.72 0.56 -2.01
CA SER C 23 -20.76 -0.29 -2.58
C SER C 23 -20.18 -1.36 -3.47
N GLY C 24 -20.59 -2.58 -3.23
CA GLY C 24 -20.07 -3.71 -3.99
C GLY C 24 -21.16 -4.62 -4.50
N SER C 25 -20.82 -5.92 -4.61
CA SER C 25 -21.69 -6.96 -5.12
C SER C 25 -21.69 -8.14 -4.16
N SER C 26 -22.52 -9.14 -4.46
CA SER C 26 -22.67 -10.36 -3.69
C SER C 26 -21.38 -11.18 -3.61
N SER C 27 -20.56 -11.15 -4.66
CA SER C 27 -19.31 -11.92 -4.71
C SER C 27 -18.12 -11.19 -4.06
N ASN C 28 -18.25 -9.90 -3.71
CA ASN C 28 -17.16 -9.25 -3.01
C ASN C 28 -17.62 -8.89 -1.59
N ILE C 29 -18.16 -7.69 -1.32
CA ILE C 29 -18.70 -7.31 0.00
C ILE C 29 -19.78 -8.31 0.50
N GLY C 30 -20.63 -8.78 -0.39
CA GLY C 30 -21.65 -9.77 -0.03
C GLY C 30 -21.12 -11.13 0.42
N SER C 31 -19.87 -11.48 0.07
CA SER C 31 -19.28 -12.76 0.45
C SER C 31 -18.11 -12.65 1.43
N ASN C 32 -17.51 -11.46 1.54
CA ASN C 32 -16.27 -11.29 2.29
C ASN C 32 -16.24 -10.13 3.25
N THR C 33 -15.21 -10.05 4.08
CA THR C 33 -15.03 -8.91 4.99
C THR C 33 -14.45 -7.72 4.22
N VAL C 34 -14.72 -6.51 4.69
CA VAL C 34 -14.25 -5.28 4.12
C VAL C 34 -13.13 -4.70 4.99
N ASN C 35 -12.08 -4.19 4.36
CA ASN C 35 -10.97 -3.54 5.07
C ASN C 35 -10.97 -2.09 4.60
N TRP C 36 -10.48 -1.18 5.45
CA TRP C 36 -10.34 0.22 5.10
C TRP C 36 -8.88 0.62 5.26
N TYR C 37 -8.43 1.51 4.36
CA TYR C 37 -7.10 2.09 4.32
C TYR C 37 -7.18 3.61 4.31
N GLN C 38 -6.31 4.23 5.09
CA GLN C 38 -6.20 5.65 5.17
C GLN C 38 -4.89 6.03 4.52
N GLN C 39 -4.95 6.93 3.57
CA GLN C 39 -3.74 7.40 2.94
C GLN C 39 -3.67 8.92 3.16
N LEU C 40 -2.85 9.33 4.14
CA LEU C 40 -2.52 10.72 4.47
C LEU C 40 -1.73 11.32 3.29
N PRO C 41 -1.85 12.65 3.02
CA PRO C 41 -1.08 13.24 1.90
C PRO C 41 0.41 12.90 1.97
N GLY C 42 0.95 12.47 0.83
CA GLY C 42 2.35 12.09 0.68
C GLY C 42 2.83 10.90 1.47
N THR C 43 1.94 9.93 1.79
CA THR C 43 2.32 8.75 2.59
C THR C 43 1.87 7.47 1.92
N ALA C 44 2.37 6.33 2.38
CA ALA C 44 1.92 5.02 1.92
C ALA C 44 0.58 4.72 2.63
N PRO C 45 -0.34 3.92 2.03
CA PRO C 45 -1.57 3.59 2.74
C PRO C 45 -1.33 2.82 4.05
N LYS C 46 -2.21 2.98 5.01
CA LYS C 46 -2.10 2.22 6.26
C LYS C 46 -3.41 1.59 6.59
N LEU C 47 -3.38 0.42 7.25
CA LEU C 47 -4.59 -0.27 7.68
C LEU C 47 -5.33 0.54 8.73
N LEU C 48 -6.62 0.79 8.49
CA LEU C 48 -7.49 1.57 9.37
C LEU C 48 -8.49 0.69 10.04
N ILE C 49 -9.18 -0.17 9.24
CA ILE C 49 -10.21 -1.10 9.70
C ILE C 49 -10.04 -2.48 9.04
N TYR C 50 -10.17 -3.54 9.78
CA TYR C 50 -10.11 -4.88 9.21
C TYR C 50 -11.34 -5.61 9.72
N SER C 51 -11.73 -6.71 9.08
CA SER C 51 -12.94 -7.49 9.41
C SER C 51 -14.17 -6.64 9.61
N ASN C 52 -14.44 -5.67 8.68
CA ASN C 52 -15.62 -4.78 8.70
C ASN C 52 -15.59 -3.66 9.74
N ASN C 53 -15.16 -3.95 10.97
CA ASN C 53 -15.26 -3.00 12.06
C ASN C 53 -14.20 -3.12 13.15
N GLN C 54 -13.13 -3.89 12.89
CA GLN C 54 -12.06 -4.03 13.88
C GLN C 54 -10.95 -3.02 13.64
N ARG C 55 -10.39 -2.47 14.72
CA ARG C 55 -9.32 -1.46 14.65
CA ARG C 55 -9.33 -1.47 14.65
C ARG C 55 -7.98 -2.03 15.02
N PRO C 56 -6.94 -1.82 14.18
CA PRO C 56 -5.62 -2.28 14.58
C PRO C 56 -5.17 -1.35 15.72
N SER C 57 -4.15 -1.78 16.48
CA SER C 57 -3.57 -0.97 17.55
C SER C 57 -3.10 0.35 16.95
N GLY C 58 -3.47 1.44 17.61
CA GLY C 58 -3.09 2.78 17.16
C GLY C 58 -4.18 3.56 16.48
N VAL C 59 -5.26 2.89 16.03
CA VAL C 59 -6.37 3.58 15.35
C VAL C 59 -7.36 4.03 16.45
N PRO C 60 -7.62 5.36 16.55
CA PRO C 60 -8.53 5.85 17.60
C PRO C 60 -9.99 5.43 17.42
N ASP C 61 -10.72 5.36 18.55
CA ASP C 61 -12.14 5.02 18.73
C ASP C 61 -13.11 5.71 17.77
N ARG C 62 -12.71 6.89 17.24
CA ARG C 62 -13.48 7.76 16.33
C ARG C 62 -13.83 7.03 15.05
N PHE C 63 -12.96 6.10 14.61
CA PHE C 63 -13.18 5.32 13.41
C PHE C 63 -13.93 4.06 13.78
N SER C 64 -14.98 3.82 13.04
CA SER C 64 -15.81 2.64 13.17
C SER C 64 -16.24 2.31 11.77
N GLY C 65 -16.54 1.04 11.55
CA GLY C 65 -16.98 0.54 10.27
C GLY C 65 -18.18 -0.34 10.49
N SER C 66 -18.90 -0.65 9.41
CA SER C 66 -20.08 -1.52 9.41
C SER C 66 -20.26 -2.07 7.99
N LYS C 67 -21.03 -3.15 7.87
CA LYS C 67 -21.34 -3.85 6.65
C LYS C 67 -22.78 -4.38 6.71
N SER C 68 -23.52 -4.29 5.60
CA SER C 68 -24.90 -4.78 5.47
C SER C 68 -25.12 -5.07 4.01
N GLY C 69 -25.53 -6.28 3.67
CA GLY C 69 -25.74 -6.68 2.28
C GLY C 69 -24.45 -6.55 1.45
N THR C 70 -24.53 -5.80 0.35
CA THR C 70 -23.37 -5.58 -0.53
C THR C 70 -22.71 -4.23 -0.28
N SER C 71 -23.06 -3.55 0.80
CA SER C 71 -22.49 -2.25 1.09
C SER C 71 -21.70 -2.27 2.38
N ALA C 72 -20.74 -1.36 2.52
CA ALA C 72 -19.96 -1.16 3.74
C ALA C 72 -19.91 0.31 3.99
N SER C 73 -19.62 0.69 5.22
CA SER C 73 -19.53 2.09 5.57
C SER C 73 -18.43 2.34 6.56
N LEU C 74 -17.76 3.46 6.42
CA LEU C 74 -16.74 3.92 7.37
C LEU C 74 -17.31 5.19 8.03
N ALA C 75 -17.35 5.23 9.35
CA ALA C 75 -17.87 6.34 10.14
C ALA C 75 -16.73 6.98 10.93
N ILE C 76 -16.55 8.29 10.76
CA ILE C 76 -15.53 9.07 11.45
C ILE C 76 -16.31 10.04 12.32
N SER C 77 -16.40 9.72 13.61
CA SER C 77 -17.05 10.59 14.58
C SER C 77 -15.99 11.60 15.01
N GLY C 78 -16.43 12.82 15.31
CA GLY C 78 -15.54 13.87 15.78
C GLY C 78 -14.49 14.28 14.76
N LEU C 79 -14.94 14.58 13.53
CA LEU C 79 -14.06 15.00 12.45
C LEU C 79 -12.98 15.96 12.93
N GLN C 80 -11.74 15.69 12.54
CA GLN C 80 -10.59 16.53 12.86
C GLN C 80 -9.85 16.85 11.54
N SER C 81 -9.05 17.96 11.49
CA SER C 81 -8.25 18.32 10.31
C SER C 81 -7.20 17.25 9.98
N GLU C 82 -6.74 16.50 10.99
CA GLU C 82 -5.81 15.40 10.77
C GLU C 82 -6.49 14.18 10.04
N ASP C 83 -7.84 14.13 9.99
CA ASP C 83 -8.52 13.05 9.25
C ASP C 83 -8.52 13.30 7.75
N GLU C 84 -8.02 14.48 7.29
CA GLU C 84 -7.97 14.79 5.87
C GLU C 84 -7.02 13.80 5.22
N ALA C 85 -7.58 12.97 4.31
CA ALA C 85 -6.87 11.90 3.65
C ALA C 85 -7.76 11.30 2.61
N ASP C 86 -7.22 10.29 1.92
CA ASP C 86 -7.91 9.47 0.95
C ASP C 86 -8.24 8.19 1.66
N TYR C 87 -9.50 7.78 1.61
CA TYR C 87 -9.96 6.57 2.28
C TYR C 87 -10.36 5.58 1.23
N TYR C 88 -9.90 4.34 1.40
CA TYR C 88 -10.20 3.28 0.45
C TYR C 88 -10.73 2.10 1.18
N CYS C 89 -11.77 1.48 0.64
CA CYS C 89 -12.25 0.20 1.13
C CYS C 89 -11.64 -0.87 0.19
N ALA C 90 -11.56 -2.12 0.63
CA ALA C 90 -11.05 -3.22 -0.19
C ALA C 90 -11.66 -4.53 0.23
N ALA C 91 -12.03 -5.37 -0.71
CA ALA C 91 -12.60 -6.67 -0.36
C ALA C 91 -12.13 -7.68 -1.40
N TRP C 92 -11.98 -8.94 -1.01
CA TRP C 92 -11.65 -9.97 -1.98
C TRP C 92 -12.94 -10.24 -2.81
N ASP C 93 -12.81 -10.46 -4.12
CA ASP C 93 -13.94 -10.76 -4.99
C ASP C 93 -13.84 -12.22 -5.43
N ASP C 94 -14.85 -13.03 -5.05
CA ASP C 94 -14.92 -14.48 -5.34
C ASP C 94 -15.07 -14.84 -6.80
N SER C 95 -15.76 -14.01 -7.57
CA SER C 95 -16.00 -14.31 -8.98
C SER C 95 -14.86 -13.82 -9.85
N LEU C 96 -14.05 -12.87 -9.37
CA LEU C 96 -12.90 -12.37 -10.13
C LEU C 96 -11.57 -13.01 -9.73
N ASN C 97 -11.48 -13.62 -8.50
CA ASN C 97 -10.21 -14.16 -7.94
C ASN C 97 -9.20 -13.03 -7.88
N ALA C 98 -9.63 -11.92 -7.28
CA ALA C 98 -8.87 -10.69 -7.22
C ALA C 98 -9.30 -9.85 -6.05
N TRP C 99 -8.38 -8.98 -5.61
CA TRP C 99 -8.67 -7.99 -4.58
C TRP C 99 -9.27 -6.82 -5.35
N VAL C 100 -10.34 -6.24 -4.84
CA VAL C 100 -10.97 -5.06 -5.45
C VAL C 100 -10.89 -3.90 -4.47
N PHE C 101 -10.25 -2.80 -4.85
CA PHE C 101 -10.18 -1.59 -4.03
C PHE C 101 -11.23 -0.63 -4.52
N GLY C 102 -11.82 0.12 -3.62
CA GLY C 102 -12.77 1.16 -4.00
C GLY C 102 -12.00 2.28 -4.69
N GLY C 103 -12.72 3.14 -5.37
CA GLY C 103 -12.14 4.28 -6.08
C GLY C 103 -11.49 5.31 -5.18
N GLY C 104 -11.80 5.27 -3.90
CA GLY C 104 -11.25 6.24 -2.95
C GLY C 104 -12.09 7.47 -2.68
N THR C 105 -12.08 7.92 -1.43
CA THR C 105 -12.82 9.08 -1.01
C THR C 105 -11.88 10.09 -0.42
N LYS C 106 -11.87 11.28 -1.00
CA LYS C 106 -11.03 12.36 -0.46
C LYS C 106 -11.87 13.11 0.54
N LEU C 107 -11.39 13.14 1.78
CA LEU C 107 -12.06 13.80 2.86
C LEU C 107 -11.45 15.17 3.15
N THR C 108 -12.30 16.20 3.08
CA THR C 108 -11.92 17.60 3.36
C THR C 108 -12.66 18.02 4.64
N VAL C 109 -11.92 18.65 5.55
CA VAL C 109 -12.45 19.18 6.81
C VAL C 109 -12.51 20.70 6.64
N LEU C 110 -13.72 21.21 6.40
CA LEU C 110 -14.02 22.62 6.17
C LEU C 110 -14.30 23.34 7.50
N GLY C 111 -14.58 24.64 7.43
CA GLY C 111 -14.96 25.44 8.58
C GLY C 111 -13.94 25.69 9.67
N GLN C 112 -12.65 25.47 9.38
CA GLN C 112 -11.58 25.80 10.32
C GLN C 112 -11.23 27.34 10.17
N PRO C 113 -10.52 27.99 11.14
CA PRO C 113 -10.24 29.43 10.99
C PRO C 113 -9.35 29.77 9.80
N LYS C 114 -9.89 30.60 8.90
CA LYS C 114 -9.27 31.10 7.70
C LYS C 114 -7.93 31.79 7.97
N SER C 115 -6.96 31.58 7.06
CA SER C 115 -5.62 32.15 7.08
C SER C 115 -5.25 32.63 5.68
N SER C 116 -4.68 33.83 5.60
CA SER C 116 -4.27 34.44 4.34
C SER C 116 -2.96 33.83 3.86
N PRO C 117 -2.69 33.78 2.54
CA PRO C 117 -1.40 33.23 2.08
C PRO C 117 -0.21 34.17 2.30
N SER C 118 0.92 33.60 2.74
CA SER C 118 2.16 34.34 2.88
C SER C 118 2.85 34.18 1.53
N VAL C 119 2.94 35.27 0.76
CA VAL C 119 3.50 35.29 -0.59
C VAL C 119 4.95 35.81 -0.62
N THR C 120 5.87 35.05 -1.29
CA THR C 120 7.27 35.44 -1.47
C THR C 120 7.61 35.30 -2.94
N LEU C 121 8.14 36.37 -3.55
CA LEU C 121 8.51 36.37 -4.96
C LEU C 121 10.02 36.40 -5.13
N PHE C 122 10.53 35.53 -5.99
CA PHE C 122 11.95 35.41 -6.26
C PHE C 122 12.29 35.73 -7.72
N PRO C 123 13.35 36.57 -8.00
CA PRO C 123 13.74 36.81 -9.40
C PRO C 123 14.64 35.66 -9.92
N PRO C 124 15.00 35.60 -11.23
CA PRO C 124 15.94 34.57 -11.65
C PRO C 124 17.32 34.79 -11.06
N SER C 125 18.10 33.70 -10.95
CA SER C 125 19.47 33.75 -10.46
C SER C 125 20.33 34.17 -11.65
N SER C 126 21.56 34.68 -11.40
CA SER C 126 22.49 35.06 -12.49
C SER C 126 22.90 33.80 -13.24
N GLU C 127 23.17 32.69 -12.50
CA GLU C 127 23.53 31.37 -13.06
C GLU C 127 22.50 30.91 -14.09
N GLU C 128 21.20 31.11 -13.82
CA GLU C 128 20.17 30.69 -14.76
C GLU C 128 20.14 31.62 -15.99
N LEU C 129 20.38 32.93 -15.78
CA LEU C 129 20.36 33.91 -16.88
C LEU C 129 21.46 33.61 -17.91
N GLU C 130 22.57 33.01 -17.46
CA GLU C 130 23.71 32.57 -18.27
C GLU C 130 23.33 31.44 -19.23
N THR C 131 22.21 30.74 -18.96
CA THR C 131 21.71 29.68 -19.85
C THR C 131 20.66 30.26 -20.81
N ASN C 132 20.49 31.62 -20.79
CA ASN C 132 19.52 32.37 -21.59
C ASN C 132 18.05 32.10 -21.21
N LYS C 133 17.79 31.78 -19.92
CA LYS C 133 16.45 31.50 -19.41
C LYS C 133 16.27 32.27 -18.11
N ALA C 134 15.01 32.64 -17.82
CA ALA C 134 14.70 33.40 -16.62
C ALA C 134 13.47 32.82 -15.96
N THR C 135 13.60 32.34 -14.70
CA THR C 135 12.44 31.82 -13.95
C THR C 135 12.16 32.65 -12.71
N LEU C 136 10.94 33.16 -12.61
CA LEU C 136 10.44 33.84 -11.42
C LEU C 136 9.62 32.81 -10.66
N VAL C 137 9.85 32.73 -9.34
CA VAL C 137 9.19 31.75 -8.47
C VAL C 137 8.40 32.51 -7.42
N CYS C 138 7.13 32.18 -7.31
CA CYS C 138 6.22 32.78 -6.35
C CYS C 138 5.82 31.67 -5.38
N THR C 139 6.19 31.78 -4.10
CA THR C 139 5.82 30.80 -3.08
C THR C 139 4.66 31.30 -2.26
N ILE C 140 3.68 30.41 -2.07
CA ILE C 140 2.46 30.71 -1.35
C ILE C 140 2.30 29.68 -0.18
N THR C 141 2.44 30.14 1.08
CA THR C 141 2.30 29.21 2.21
C THR C 141 1.30 29.71 3.25
N ASP C 142 0.92 28.80 4.17
CA ASP C 142 0.10 29.09 5.36
C ASP C 142 -1.28 29.69 5.04
N PHE C 143 -1.99 29.08 4.09
CA PHE C 143 -3.33 29.50 3.71
C PHE C 143 -4.38 28.41 3.94
N TYR C 144 -5.56 28.82 4.37
CA TYR C 144 -6.69 27.94 4.59
C TYR C 144 -7.98 28.73 4.29
N PRO C 145 -8.98 28.21 3.52
CA PRO C 145 -9.03 26.90 2.82
C PRO C 145 -7.94 26.80 1.75
N GLY C 146 -7.65 25.58 1.30
CA GLY C 146 -6.60 25.33 0.31
C GLY C 146 -6.99 25.57 -1.13
N VAL C 147 -7.53 26.75 -1.44
CA VAL C 147 -7.94 27.13 -2.78
C VAL C 147 -7.38 28.54 -3.03
N VAL C 148 -6.57 28.70 -4.10
CA VAL C 148 -5.97 29.98 -4.48
C VAL C 148 -6.05 30.14 -5.98
N THR C 149 -5.99 31.41 -6.43
CA THR C 149 -5.93 31.86 -7.81
C THR C 149 -4.65 32.69 -7.91
N VAL C 150 -3.79 32.36 -8.88
CA VAL C 150 -2.50 33.05 -9.08
C VAL C 150 -2.45 33.69 -10.45
N ASP C 151 -2.28 35.02 -10.46
CA ASP C 151 -2.17 35.83 -11.67
C ASP C 151 -0.83 36.52 -11.69
N TRP C 152 -0.18 36.54 -12.84
CA TRP C 152 1.11 37.16 -13.05
C TRP C 152 0.94 38.43 -13.91
N LYS C 153 1.70 39.48 -13.58
CA LYS C 153 1.67 40.74 -14.31
C LYS C 153 3.10 41.15 -14.66
N VAL C 154 3.33 41.47 -15.93
CA VAL C 154 4.63 41.95 -16.41
C VAL C 154 4.39 43.35 -16.98
N ASP C 155 4.94 44.36 -16.31
CA ASP C 155 4.80 45.79 -16.60
C ASP C 155 3.33 46.22 -16.63
N GLY C 156 2.61 45.84 -15.59
CA GLY C 156 1.20 46.18 -15.43
C GLY C 156 0.22 45.43 -16.31
N THR C 157 0.73 44.62 -17.27
CA THR C 157 -0.13 43.86 -18.18
C THR C 157 -0.24 42.41 -17.75
N PRO C 158 -1.48 41.86 -17.63
CA PRO C 158 -1.62 40.47 -17.19
C PRO C 158 -0.97 39.46 -18.13
N VAL C 159 -0.19 38.53 -17.57
CA VAL C 159 0.51 37.48 -18.30
C VAL C 159 -0.50 36.40 -18.66
N THR C 160 -0.44 35.88 -19.90
CA THR C 160 -1.35 34.86 -20.40
C THR C 160 -0.63 33.52 -20.75
N GLN C 161 0.71 33.55 -21.02
CA GLN C 161 1.53 32.38 -21.37
C GLN C 161 2.77 32.28 -20.48
N GLY C 162 3.34 31.08 -20.37
CA GLY C 162 4.58 30.84 -19.64
C GLY C 162 4.48 30.67 -18.14
N MET C 163 3.24 30.67 -17.59
CA MET C 163 2.99 30.49 -16.17
C MET C 163 2.52 29.05 -15.84
N GLU C 164 2.94 28.53 -14.68
CA GLU C 164 2.59 27.19 -14.20
C GLU C 164 2.46 27.25 -12.70
N THR C 165 1.25 26.92 -12.20
CA THR C 165 0.95 26.90 -10.76
C THR C 165 0.75 25.47 -10.29
N THR C 166 1.31 25.19 -9.16
CA THR C 166 1.24 23.92 -8.50
C THR C 166 -0.15 23.80 -7.83
N GLN C 167 -0.69 22.59 -7.70
CA GLN C 167 -1.96 22.35 -7.01
C GLN C 167 -1.68 22.49 -5.52
N PRO C 168 -2.61 23.02 -4.70
CA PRO C 168 -2.30 23.14 -3.25
C PRO C 168 -1.98 21.82 -2.57
N SER C 169 -1.03 21.88 -1.66
CA SER C 169 -0.47 20.77 -0.90
C SER C 169 -0.55 21.10 0.59
N LYS C 170 -0.78 20.08 1.41
CA LYS C 170 -0.96 20.23 2.85
C LYS C 170 0.33 20.35 3.63
N GLN C 171 0.34 21.29 4.57
CA GLN C 171 1.44 21.52 5.51
C GLN C 171 1.13 20.71 6.79
N SER C 172 2.11 20.63 7.66
CA SER C 172 1.98 19.89 8.87
C SER C 172 1.01 20.50 9.83
N ASN C 173 0.76 21.79 9.72
CA ASN C 173 -0.14 22.46 10.64
C ASN C 173 -1.53 22.64 10.11
N ASN C 174 -1.92 21.78 9.20
CA ASN C 174 -3.22 21.78 8.50
C ASN C 174 -3.49 22.93 7.54
N LYS C 175 -2.49 23.74 7.24
CA LYS C 175 -2.63 24.79 6.28
C LYS C 175 -2.11 24.34 4.93
N TYR C 176 -2.28 25.15 3.93
CA TYR C 176 -1.87 24.76 2.58
C TYR C 176 -0.77 25.60 1.98
N MET C 177 -0.09 25.03 1.01
CA MET C 177 0.99 25.67 0.27
C MET C 177 0.89 25.36 -1.21
N ALA C 178 1.35 26.30 -2.04
CA ALA C 178 1.40 26.22 -3.48
C ALA C 178 2.56 27.07 -4.01
N SER C 179 2.91 26.81 -5.25
CA SER C 179 4.02 27.42 -5.96
C SER C 179 3.69 27.85 -7.38
N SER C 180 4.15 29.01 -7.79
CA SER C 180 3.92 29.46 -9.14
C SER C 180 5.21 29.88 -9.87
N TYR C 181 5.26 29.55 -11.15
CA TYR C 181 6.40 29.88 -11.95
C TYR C 181 6.07 30.63 -13.21
N LEU C 182 6.94 31.57 -13.53
CA LEU C 182 6.87 32.38 -14.76
C LEU C 182 8.21 32.20 -15.46
N THR C 183 8.18 31.54 -16.61
CA THR C 183 9.39 31.32 -17.38
C THR C 183 9.41 32.18 -18.64
N LEU C 184 10.48 32.97 -18.74
CA LEU C 184 10.79 33.88 -19.84
C LEU C 184 12.18 33.56 -20.36
N THR C 185 12.52 34.10 -21.53
CA THR C 185 13.88 34.01 -22.05
C THR C 185 14.66 35.08 -21.26
N ALA C 186 16.00 35.02 -21.26
CA ALA C 186 16.80 36.04 -20.57
C ALA C 186 16.57 37.42 -21.22
N ARG C 187 16.39 37.45 -22.57
CA ARG C 187 16.14 38.69 -23.30
C ARG C 187 14.83 39.33 -22.84
N ALA C 188 13.75 38.52 -22.71
CA ALA C 188 12.43 39.01 -22.25
C ALA C 188 12.49 39.52 -20.82
N TRP C 189 13.29 38.88 -19.94
CA TRP C 189 13.52 39.35 -18.57
C TRP C 189 14.20 40.73 -18.62
N GLU C 190 15.21 40.88 -19.50
CA GLU C 190 15.95 42.13 -19.69
C GLU C 190 15.10 43.27 -20.31
N ARG C 191 14.17 42.94 -21.23
CA ARG C 191 13.24 43.82 -21.95
C ARG C 191 12.14 44.44 -21.04
N HIS C 192 11.81 43.76 -19.93
CA HIS C 192 10.75 44.23 -19.02
C HIS C 192 11.34 44.51 -17.62
N SER C 193 10.68 45.37 -16.80
CA SER C 193 11.25 45.68 -15.48
C SER C 193 10.36 45.34 -14.29
N SER C 194 9.04 45.52 -14.39
CA SER C 194 8.11 45.31 -13.29
C SER C 194 7.44 43.91 -13.33
N TYR C 195 7.67 43.08 -12.29
CA TYR C 195 7.14 41.72 -12.24
C TYR C 195 6.29 41.50 -11.03
N SER C 196 5.09 41.00 -11.24
CA SER C 196 4.18 40.83 -10.12
C SER C 196 3.46 39.51 -10.07
N CYS C 197 3.49 38.88 -8.90
CA CYS C 197 2.73 37.67 -8.65
C CYS C 197 1.57 38.08 -7.73
N GLN C 198 0.34 37.86 -8.18
CA GLN C 198 -0.86 38.22 -7.42
C GLN C 198 -1.58 36.94 -6.99
N VAL C 199 -1.81 36.78 -5.69
CA VAL C 199 -2.44 35.59 -5.13
C VAL C 199 -3.78 35.97 -4.51
N THR C 200 -4.88 35.40 -5.05
CA THR C 200 -6.24 35.63 -4.58
C THR C 200 -6.73 34.44 -3.72
N HIS C 201 -7.19 34.77 -2.51
CA HIS C 201 -7.70 33.81 -1.55
C HIS C 201 -8.88 34.40 -0.77
N GLU C 202 -10.01 33.66 -0.78
CA GLU C 202 -11.27 33.91 -0.04
C GLU C 202 -11.89 35.27 -0.28
N GLY C 203 -11.87 36.32 -2.48
CA GLY C 203 -12.35 37.69 -2.49
C GLY C 203 -11.36 38.67 -1.89
N HIS C 204 -10.11 38.24 -1.75
CA HIS C 204 -9.05 39.04 -1.18
C HIS C 204 -7.72 38.68 -1.87
N THR C 205 -6.98 39.68 -2.39
CA THR C 205 -5.75 39.36 -3.13
C THR C 205 -4.49 40.01 -2.55
N VAL C 206 -3.44 39.18 -2.37
CA VAL C 206 -2.10 39.52 -1.88
C VAL C 206 -1.10 39.56 -3.06
N GLU C 207 -0.46 40.73 -3.28
CA GLU C 207 0.49 40.96 -4.36
C GLU C 207 1.90 41.17 -3.88
N LYS C 208 2.86 40.50 -4.54
CA LYS C 208 4.27 40.70 -4.29
C LYS C 208 4.90 41.01 -5.63
N SER C 209 5.66 42.10 -5.67
CA SER C 209 6.27 42.48 -6.93
C SER C 209 7.73 42.87 -6.80
N LEU C 210 8.41 42.94 -7.95
CA LEU C 210 9.80 43.36 -8.04
C LEU C 210 10.12 44.10 -9.32
N SER C 211 11.29 44.77 -9.32
CA SER C 211 11.84 45.44 -10.47
C SER C 211 13.15 44.76 -10.76
N ARG C 212 13.42 44.45 -12.04
CA ARG C 212 14.70 43.87 -12.45
C ARG C 212 15.89 44.82 -12.09
N ALA C 213 15.60 46.14 -11.95
CA ALA C 213 16.56 47.17 -11.56
C ALA C 213 16.89 47.07 -10.04
N ASP C 214 17.42 45.89 -9.64
CA ASP C 214 17.78 45.46 -8.29
C ASP C 214 18.62 46.48 -7.50
C1 7LT D . -23.83 -32.61 16.74
C2 7LT D . -24.45 -31.74 15.66
C3 7LT D . -23.49 -30.78 14.99
C7 7LT D . -19.05 -29.93 19.93
C8 7LT D . -18.49 -29.04 21.05
C9 7LT D . -17.19 -29.61 21.66
C10 7LT D . -16.43 -30.56 20.77
C11 7LT D . -15.12 -30.18 20.46
C12 7LT D . -14.32 -30.98 19.66
C13 7LT D . -14.81 -32.16 19.14
C14 7LT D . -16.12 -32.56 19.42
C15 7LT D . -16.91 -31.76 20.24
C16 7LT D . -19.34 -31.35 20.43
C19 7LT D . -20.33 -34.38 17.67
C20 7LT D . -21.82 -34.20 17.96
C21 7LT D . -22.78 -34.83 16.96
C22 7LT D . -19.97 -33.78 16.30
C24 7LT D . -17.68 -32.73 16.17
C27 7LT D . -16.58 -35.09 15.13
C30 7LT D . -15.89 -36.59 13.12
C31 7LT D . -14.83 -37.60 12.77
C32 7LT D . -15.07 -38.97 12.91
C33 7LT D . -14.08 -39.90 12.64
C34 7LT D . -12.82 -39.49 12.25
C35 7LT D . -12.56 -38.13 12.12
CL1 7LT D . -15.23 -28.54 16.36
C41 7LT D . -16.95 -28.43 16.10
C40 7LT D . -17.56 -29.33 15.25
C39 7LT D . -18.92 -29.23 15.02
C42 7LT D . -17.67 -27.45 16.73
C43 7LT D . -19.04 -27.36 16.51
C38 7LT D . -19.69 -28.24 15.63
C37 7LT D . -21.17 -28.17 15.44
C4 7LT D . -21.94 -29.26 16.18
N1 7LT D . -23.29 -29.46 15.62
C5 7LT D . -21.99 -29.05 17.69
C6 7LT D . -20.85 -29.86 18.29
O 7LT D . -20.56 -30.97 17.85
N2 7LT D . -20.19 -29.28 19.29
O1 7LT D . -20.47 -31.73 20.70
N3 7LT D . -18.27 -32.18 20.51
C17 7LT D . -18.50 -33.57 20.94
C18 7LT D . -19.25 -34.38 19.90
O2 7LT D . -19.62 -35.53 20.17
N4 7LT D . -19.53 -33.78 18.74
O3 7LT D . -22.69 -36.01 16.70
N 7LT D . -23.72 -34.04 16.40
C 7LT D . -24.68 -34.58 15.43
C23 7LT D . -18.50 -33.84 15.97
C28 7LT D . -17.94 -35.01 15.47
C26 7LT D . -15.79 -33.98 15.39
CL 7LT D . -14.10 -34.01 15.01
C25 7LT D . -16.33 -32.80 15.88
C29 7LT D . -16.06 -36.45 14.68
C36 7LT D . -13.55 -37.19 12.38
#